data_7RVJ
# 
_entry.id   7RVJ 
# 
_audit_conform.dict_name       mmcif_pdbx.dic 
_audit_conform.dict_version    5.392 
_audit_conform.dict_location   http://mmcif.pdb.org/dictionaries/ascii/mmcif_pdbx.dic 
# 
loop_
_database_2.database_id 
_database_2.database_code 
_database_2.pdbx_database_accession 
_database_2.pdbx_DOI 
PDB   7RVJ         pdb_00007rvj 10.2210/pdb7rvj/pdb 
WWPDB D_1000259067 ?            ?                   
# 
loop_
_pdbx_audit_revision_history.ordinal 
_pdbx_audit_revision_history.data_content_type 
_pdbx_audit_revision_history.major_revision 
_pdbx_audit_revision_history.minor_revision 
_pdbx_audit_revision_history.revision_date 
1 'Structure model' 1 0 2022-08-24 
2 'Structure model' 1 1 2024-05-22 
# 
_pdbx_audit_revision_details.ordinal             1 
_pdbx_audit_revision_details.revision_ordinal    1 
_pdbx_audit_revision_details.data_content_type   'Structure model' 
_pdbx_audit_revision_details.provider            repository 
_pdbx_audit_revision_details.type                'Initial release' 
_pdbx_audit_revision_details.description         ? 
_pdbx_audit_revision_details.details             ? 
# 
_pdbx_audit_revision_group.ordinal             1 
_pdbx_audit_revision_group.revision_ordinal    2 
_pdbx_audit_revision_group.data_content_type   'Structure model' 
_pdbx_audit_revision_group.group               'Data collection' 
# 
loop_
_pdbx_audit_revision_category.ordinal 
_pdbx_audit_revision_category.revision_ordinal 
_pdbx_audit_revision_category.data_content_type 
_pdbx_audit_revision_category.category 
1 2 'Structure model' chem_comp_atom 
2 2 'Structure model' chem_comp_bond 
# 
_pdbx_database_status.status_code                     REL 
_pdbx_database_status.status_code_sf                  REL 
_pdbx_database_status.status_code_mr                  ? 
_pdbx_database_status.entry_id                        7RVJ 
_pdbx_database_status.recvd_initial_deposition_date   2021-08-18 
_pdbx_database_status.SG_entry                        N 
_pdbx_database_status.deposit_site                    RCSB 
_pdbx_database_status.process_site                    RCSB 
_pdbx_database_status.status_code_cs                  ? 
_pdbx_database_status.status_code_nmr_data            ? 
_pdbx_database_status.methods_development_category    ? 
_pdbx_database_status.pdb_format_compatible           Y 
# 
loop_
_audit_author.name 
_audit_author.pdbx_ordinal 
_audit_author.identifier_ORCID 
'Glynn, C.'       1 ? 
'Rodriguez, J.A.' 2 ? 
'Hernandez, E.'   3 ? 
# 
_citation.abstract                  ? 
_citation.abstract_id_CAS           ? 
_citation.book_id_ISBN              ? 
_citation.book_publisher            ? 
_citation.book_publisher_city       ? 
_citation.book_title                ? 
_citation.coordinate_linkage        ? 
_citation.country                   ? 
_citation.database_id_Medline       ? 
_citation.details                   ? 
_citation.id                        primary 
_citation.journal_abbrev            'To be published' 
_citation.journal_id_ASTM           ? 
_citation.journal_id_CSD            0353 
_citation.journal_id_ISSN           ? 
_citation.journal_full              ? 
_citation.journal_issue             ? 
_citation.journal_volume            ? 
_citation.language                  ? 
_citation.page_first                ? 
_citation.page_last                 ? 
_citation.title                     
'Structural and Biophysical Consequences of Sequence Variation in the B2a2 Loop of Mammalian Prions' 
_citation.year                      ? 
_citation.database_id_CSD           ? 
_citation.pdbx_database_id_DOI      ? 
_citation.pdbx_database_id_PubMed   ? 
_citation.pdbx_database_id_patent   ? 
_citation.unpublished_flag          ? 
# 
loop_
_citation_author.citation_id 
_citation_author.name 
_citation_author.ordinal 
_citation_author.identifier_ORCID 
primary 'Glynn, C.'           1 ? 
primary 'Hernandez, E.'       2 ? 
primary 'Gallagher-Jones, M.' 3 ? 
primary 'Miao, J.'            4 ? 
primary 'Rodriguez, J.A.'     5 ? 
# 
loop_
_entity.id 
_entity.type 
_entity.src_method 
_entity.pdbx_description 
_entity.formula_weight 
_entity.pdbx_number_of_molecules 
_entity.pdbx_ec 
_entity.pdbx_mutation 
_entity.pdbx_fragment 
_entity.details 
1 polymer syn 'Major prion protein' 885.878 2 ? ? 'UNP residues 169-175' ? 
2 water   nat water                 18.015  8 ? ? ?                      ? 
# 
_entity_name_com.entity_id   1 
_entity_name_com.name        PrP,ASCR,PrP27-30,PrP33-35C 
# 
_entity_poly.entity_id                      1 
_entity_poly.type                           'polypeptide(L)' 
_entity_poly.nstd_linkage                   no 
_entity_poly.nstd_monomer                   no 
_entity_poly.pdbx_seq_one_letter_code       YSNQNNF 
_entity_poly.pdbx_seq_one_letter_code_can   YSNQNNF 
_entity_poly.pdbx_strand_id                 A,B 
_entity_poly.pdbx_target_identifier         ? 
# 
_pdbx_entity_nonpoly.entity_id   2 
_pdbx_entity_nonpoly.name        water 
_pdbx_entity_nonpoly.comp_id     HOH 
# 
loop_
_entity_poly_seq.entity_id 
_entity_poly_seq.num 
_entity_poly_seq.mon_id 
_entity_poly_seq.hetero 
1 1 TYR n 
1 2 SER n 
1 3 ASN n 
1 4 GLN n 
1 5 ASN n 
1 6 ASN n 
1 7 PHE n 
# 
_pdbx_entity_src_syn.entity_id              1 
_pdbx_entity_src_syn.pdbx_src_id            1 
_pdbx_entity_src_syn.pdbx_alt_source_flag   sample 
_pdbx_entity_src_syn.pdbx_beg_seq_num       1 
_pdbx_entity_src_syn.pdbx_end_seq_num       7 
_pdbx_entity_src_syn.organism_scientific    'Homo sapiens' 
_pdbx_entity_src_syn.organism_common_name   Human 
_pdbx_entity_src_syn.ncbi_taxonomy_id       9606 
_pdbx_entity_src_syn.details                ? 
# 
loop_
_chem_comp.id 
_chem_comp.type 
_chem_comp.mon_nstd_flag 
_chem_comp.name 
_chem_comp.pdbx_synonyms 
_chem_comp.formula 
_chem_comp.formula_weight 
ASN 'L-peptide linking' y ASPARAGINE    ? 'C4 H8 N2 O3'  132.118 
GLN 'L-peptide linking' y GLUTAMINE     ? 'C5 H10 N2 O3' 146.144 
HOH non-polymer         . WATER         ? 'H2 O'         18.015  
PHE 'L-peptide linking' y PHENYLALANINE ? 'C9 H11 N O2'  165.189 
SER 'L-peptide linking' y SERINE        ? 'C3 H7 N O3'   105.093 
TYR 'L-peptide linking' y TYROSINE      ? 'C9 H11 N O3'  181.189 
# 
loop_
_pdbx_poly_seq_scheme.asym_id 
_pdbx_poly_seq_scheme.entity_id 
_pdbx_poly_seq_scheme.seq_id 
_pdbx_poly_seq_scheme.mon_id 
_pdbx_poly_seq_scheme.ndb_seq_num 
_pdbx_poly_seq_scheme.pdb_seq_num 
_pdbx_poly_seq_scheme.auth_seq_num 
_pdbx_poly_seq_scheme.pdb_mon_id 
_pdbx_poly_seq_scheme.auth_mon_id 
_pdbx_poly_seq_scheme.pdb_strand_id 
_pdbx_poly_seq_scheme.pdb_ins_code 
_pdbx_poly_seq_scheme.hetero 
A 1 1 TYR 1 169 169 TYR TYR A . n 
A 1 2 SER 2 170 170 SER SER A . n 
A 1 3 ASN 3 171 171 ASN ASN A . n 
A 1 4 GLN 4 172 172 GLN GLN A . n 
A 1 5 ASN 5 173 173 ASN ASN A . n 
A 1 6 ASN 6 174 174 ASN ASN A . n 
A 1 7 PHE 7 175 175 PHE PHE A . n 
B 1 1 TYR 1 1   1   TYR TYR B . n 
B 1 2 SER 2 2   2   SER SER B . n 
B 1 3 ASN 3 3   3   ASN ASN B . n 
B 1 4 GLN 4 4   4   GLN GLN B . n 
B 1 5 ASN 5 5   5   ASN ASN B . n 
B 1 6 ASN 6 6   6   ASN ASN B . n 
B 1 7 PHE 7 7   7   PHE PHE B . n 
# 
loop_
_pdbx_nonpoly_scheme.asym_id 
_pdbx_nonpoly_scheme.entity_id 
_pdbx_nonpoly_scheme.mon_id 
_pdbx_nonpoly_scheme.ndb_seq_num 
_pdbx_nonpoly_scheme.pdb_seq_num 
_pdbx_nonpoly_scheme.auth_seq_num 
_pdbx_nonpoly_scheme.pdb_mon_id 
_pdbx_nonpoly_scheme.auth_mon_id 
_pdbx_nonpoly_scheme.pdb_strand_id 
_pdbx_nonpoly_scheme.pdb_ins_code 
C 2 HOH 1 201 4 HOH HOH A . 
C 2 HOH 2 202 3 HOH HOH A . 
C 2 HOH 3 203 7 HOH HOH A . 
C 2 HOH 4 204 6 HOH HOH A . 
C 2 HOH 5 205 1 HOH HOH A . 
D 2 HOH 1 101 5 HOH HOH B . 
D 2 HOH 2 102 8 HOH HOH B . 
D 2 HOH 3 103 2 HOH HOH B . 
# 
loop_
_software.citation_id 
_software.classification 
_software.compiler_name 
_software.compiler_version 
_software.contact_author 
_software.contact_author_email 
_software.date 
_software.description 
_software.dependencies 
_software.hardware 
_software.language 
_software.location 
_software.mods 
_software.name 
_software.os 
_software.os_version 
_software.type 
_software.version 
_software.pdbx_ordinal 
? 'data scaling'    ? ? ? ? ? ? ? ? ? ? ? XSCALE      ? ? ? .      1 
? refinement        ? ? ? ? ? ? ? ? ? ? ? BUSTER      ? ? ? 2.10.3 2 
? 'data extraction' ? ? ? ? ? ? ? ? ? ? ? PDB_EXTRACT ? ? ? 3.27   3 
? 'data reduction'  ? ? ? ? ? ? ? ? ? ? ? XDS         ? ? ? .      4 
? phasing           ? ? ? ? ? ? ? ? ? ? ? SHELXD      ? ? ? .      5 
# 
_cell.angle_alpha                  86.520 
_cell.angle_alpha_esd              ? 
_cell.angle_beta                   77.160 
_cell.angle_beta_esd               ? 
_cell.angle_gamma                  85.680 
_cell.angle_gamma_esd              ? 
_cell.entry_id                     7RVJ 
_cell.details                      ? 
_cell.formula_units_Z              ? 
_cell.length_a                     24.390 
_cell.length_a_esd                 ? 
_cell.length_b                     4.950 
_cell.length_b_esd                 ? 
_cell.length_c                     20.860 
_cell.length_c_esd                 ? 
_cell.volume                       ? 
_cell.volume_esd                   ? 
_cell.Z_PDB                        2 
_cell.reciprocal_angle_alpha       ? 
_cell.reciprocal_angle_beta        ? 
_cell.reciprocal_angle_gamma       ? 
_cell.reciprocal_angle_alpha_esd   ? 
_cell.reciprocal_angle_beta_esd    ? 
_cell.reciprocal_angle_gamma_esd   ? 
_cell.reciprocal_length_a          ? 
_cell.reciprocal_length_b          ? 
_cell.reciprocal_length_c          ? 
_cell.reciprocal_length_a_esd      ? 
_cell.reciprocal_length_b_esd      ? 
_cell.reciprocal_length_c_esd      ? 
_cell.pdbx_unique_axis             ? 
# 
_symmetry.entry_id                         7RVJ 
_symmetry.cell_setting                     ? 
_symmetry.Int_Tables_number                1 
_symmetry.space_group_name_Hall            ? 
_symmetry.space_group_name_H-M             'P 1' 
_symmetry.pdbx_full_space_group_name_H-M   ? 
# 
_exptl.absorpt_coefficient_mu     ? 
_exptl.absorpt_correction_T_max   ? 
_exptl.absorpt_correction_T_min   ? 
_exptl.absorpt_correction_type    ? 
_exptl.absorpt_process_details    ? 
_exptl.entry_id                   7RVJ 
_exptl.crystals_number            1 
_exptl.details                    ? 
_exptl.method                     'ELECTRON CRYSTALLOGRAPHY' 
_exptl.method_details             ? 
# 
_exptl_crystal.colour                      ? 
_exptl_crystal.density_diffrn              ? 
_exptl_crystal.density_Matthews            ? 
_exptl_crystal.density_method              ? 
_exptl_crystal.density_percent_sol         ? 
_exptl_crystal.description                 ? 
_exptl_crystal.F_000                       ? 
_exptl_crystal.id                          1 
_exptl_crystal.preparation                 ? 
_exptl_crystal.size_max                    ? 
_exptl_crystal.size_mid                    ? 
_exptl_crystal.size_min                    ? 
_exptl_crystal.size_rad                    ? 
_exptl_crystal.colour_lustre               ? 
_exptl_crystal.colour_modifier             ? 
_exptl_crystal.colour_primary              ? 
_exptl_crystal.density_meas                ? 
_exptl_crystal.density_meas_esd            ? 
_exptl_crystal.density_meas_gt             ? 
_exptl_crystal.density_meas_lt             ? 
_exptl_crystal.density_meas_temp           ? 
_exptl_crystal.density_meas_temp_esd       ? 
_exptl_crystal.density_meas_temp_gt        ? 
_exptl_crystal.density_meas_temp_lt        ? 
_exptl_crystal.pdbx_crystal_image_url      ? 
_exptl_crystal.pdbx_crystal_image_format   ? 
_exptl_crystal.pdbx_mosaicity              ? 
_exptl_crystal.pdbx_mosaicity_esd          ? 
# 
_exptl_crystal_grow.apparatus       ? 
_exptl_crystal_grow.atmosphere      ? 
_exptl_crystal_grow.crystal_id      1 
_exptl_crystal_grow.details         ? 
_exptl_crystal_grow.method          'VAPOR DIFFUSION, HANGING DROP' 
_exptl_crystal_grow.method_ref      ? 
_exptl_crystal_grow.pH              6.2 
_exptl_crystal_grow.pressure        ? 
_exptl_crystal_grow.pressure_esd    ? 
_exptl_crystal_grow.seeding         ? 
_exptl_crystal_grow.seeding_ref     ? 
_exptl_crystal_grow.temp            298 
_exptl_crystal_grow.temp_details    ? 
_exptl_crystal_grow.temp_esd        ? 
_exptl_crystal_grow.time            ? 
_exptl_crystal_grow.pdbx_details    '0.1 M sodium/potassium phosphate, pH 6.2, 10% w/v PEG3000' 
_exptl_crystal_grow.pdbx_pH_range   ? 
# 
_diffrn.ambient_environment              ? 
_diffrn.ambient_temp                     100 
_diffrn.ambient_temp_details             ? 
_diffrn.ambient_temp_esd                 ? 
_diffrn.crystal_id                       1 
_diffrn.crystal_support                  ? 
_diffrn.crystal_treatment                ? 
_diffrn.details                          ? 
_diffrn.id                               1 
_diffrn.ambient_pressure                 ? 
_diffrn.ambient_pressure_esd             ? 
_diffrn.ambient_pressure_gt              ? 
_diffrn.ambient_pressure_lt              ? 
_diffrn.ambient_temp_gt                  ? 
_diffrn.ambient_temp_lt                  ? 
_diffrn.pdbx_serial_crystal_experiment   N 
# 
_diffrn_detector.details                      ? 
_diffrn_detector.detector                     CMOS 
_diffrn_detector.diffrn_id                    1 
_diffrn_detector.type                         'TVIPS TEMCAM-F416' 
_diffrn_detector.area_resol_mean              ? 
_diffrn_detector.dtime                        ? 
_diffrn_detector.pdbx_frames_total            ? 
_diffrn_detector.pdbx_collection_time_total   ? 
_diffrn_detector.pdbx_collection_date         2016-08-25 
_diffrn_detector.pdbx_frequency               ? 
# 
_diffrn_radiation.collimation                      ? 
_diffrn_radiation.diffrn_id                        1 
_diffrn_radiation.filter_edge                      ? 
_diffrn_radiation.inhomogeneity                    ? 
_diffrn_radiation.monochromator                    ? 
_diffrn_radiation.polarisn_norm                    ? 
_diffrn_radiation.polarisn_ratio                   ? 
_diffrn_radiation.probe                            ? 
_diffrn_radiation.type                             ? 
_diffrn_radiation.xray_symbol                      ? 
_diffrn_radiation.wavelength_id                    1 
_diffrn_radiation.pdbx_monochromatic_or_laue_m_l   M 
_diffrn_radiation.pdbx_wavelength_list             ? 
_diffrn_radiation.pdbx_wavelength                  ? 
_diffrn_radiation.pdbx_diffrn_protocol             'SINGLE WAVELENGTH' 
_diffrn_radiation.pdbx_analyzer                    ? 
_diffrn_radiation.pdbx_scattering_type             electron 
# 
_diffrn_radiation_wavelength.id           1 
_diffrn_radiation_wavelength.wavelength   0.0251 
_diffrn_radiation_wavelength.wt           1.0 
# 
_diffrn_source.current                     ? 
_diffrn_source.details                     ? 
_diffrn_source.diffrn_id                   1 
_diffrn_source.power                       ? 
_diffrn_source.size                        ? 
_diffrn_source.source                      'ELECTRON MICROSCOPE' 
_diffrn_source.target                      ? 
_diffrn_source.type                        OTHER 
_diffrn_source.voltage                     ? 
_diffrn_source.take-off_angle              ? 
_diffrn_source.pdbx_wavelength_list        0.0251 
_diffrn_source.pdbx_wavelength             ? 
_diffrn_source.pdbx_synchrotron_beamline   ? 
_diffrn_source.pdbx_synchrotron_site       ? 
# 
_reflns.B_iso_Wilson_estimate                          0.460 
_reflns.entry_id                                       7RVJ 
_reflns.data_reduction_details                         ? 
_reflns.data_reduction_method                          ? 
_reflns.d_resolution_high                              1.00 
_reflns.d_resolution_low                               11.870 
_reflns.details                                        ? 
_reflns.limit_h_max                                    ? 
_reflns.limit_h_min                                    ? 
_reflns.limit_k_max                                    ? 
_reflns.limit_k_min                                    ? 
_reflns.limit_l_max                                    ? 
_reflns.limit_l_min                                    ? 
_reflns.number_all                                     ? 
_reflns.number_obs                                     4309 
_reflns.observed_criterion                             ? 
_reflns.observed_criterion_F_max                       ? 
_reflns.observed_criterion_F_min                       ? 
_reflns.observed_criterion_I_max                       ? 
_reflns.observed_criterion_I_min                       ? 
_reflns.observed_criterion_sigma_F                     ? 
_reflns.observed_criterion_sigma_I                     ? 
_reflns.percent_possible_obs                           85.800 
_reflns.R_free_details                                 ? 
_reflns.Rmerge_F_all                                   ? 
_reflns.Rmerge_F_obs                                   ? 
_reflns.Friedel_coverage                               ? 
_reflns.number_gt                                      ? 
_reflns.threshold_expression                           ? 
_reflns.pdbx_redundancy                                5.518 
_reflns.pdbx_Rmerge_I_obs                              0.283 
_reflns.pdbx_Rmerge_I_all                              ? 
_reflns.pdbx_Rsym_value                                ? 
_reflns.pdbx_netI_over_av_sigmaI                       ? 
_reflns.pdbx_netI_over_sigmaI                          4.490 
_reflns.pdbx_res_netI_over_av_sigmaI_2                 ? 
_reflns.pdbx_res_netI_over_sigmaI_2                    ? 
_reflns.pdbx_chi_squared                               0.754 
_reflns.pdbx_scaling_rejects                           ? 
_reflns.pdbx_d_res_high_opt                            ? 
_reflns.pdbx_d_res_low_opt                             ? 
_reflns.pdbx_d_res_opt_method                          ? 
_reflns.phase_calculation_details                      ? 
_reflns.pdbx_Rrim_I_all                                0.308 
_reflns.pdbx_Rpim_I_all                                ? 
_reflns.pdbx_d_opt                                     ? 
_reflns.pdbx_number_measured_all                       ? 
_reflns.pdbx_diffrn_id                                 1 
_reflns.pdbx_ordinal                                   1 
_reflns.pdbx_CC_half                                   0.957 
_reflns.pdbx_CC_star                                   ? 
_reflns.pdbx_R_split                                   ? 
_reflns.pdbx_aniso_diffraction_limit_axis_1_ortho[1]   ? 
_reflns.pdbx_aniso_diffraction_limit_axis_1_ortho[2]   ? 
_reflns.pdbx_aniso_diffraction_limit_axis_1_ortho[3]   ? 
_reflns.pdbx_aniso_diffraction_limit_axis_2_ortho[1]   ? 
_reflns.pdbx_aniso_diffraction_limit_axis_2_ortho[2]   ? 
_reflns.pdbx_aniso_diffraction_limit_axis_2_ortho[3]   ? 
_reflns.pdbx_aniso_diffraction_limit_axis_3_ortho[1]   ? 
_reflns.pdbx_aniso_diffraction_limit_axis_3_ortho[2]   ? 
_reflns.pdbx_aniso_diffraction_limit_axis_3_ortho[3]   ? 
_reflns.pdbx_aniso_diffraction_limit_1                 ? 
_reflns.pdbx_aniso_diffraction_limit_2                 ? 
_reflns.pdbx_aniso_diffraction_limit_3                 ? 
_reflns.pdbx_aniso_B_tensor_eigenvector_1_ortho[1]     ? 
_reflns.pdbx_aniso_B_tensor_eigenvector_1_ortho[2]     ? 
_reflns.pdbx_aniso_B_tensor_eigenvector_1_ortho[3]     ? 
_reflns.pdbx_aniso_B_tensor_eigenvector_2_ortho[1]     ? 
_reflns.pdbx_aniso_B_tensor_eigenvector_2_ortho[2]     ? 
_reflns.pdbx_aniso_B_tensor_eigenvector_2_ortho[3]     ? 
_reflns.pdbx_aniso_B_tensor_eigenvector_3_ortho[1]     ? 
_reflns.pdbx_aniso_B_tensor_eigenvector_3_ortho[2]     ? 
_reflns.pdbx_aniso_B_tensor_eigenvector_3_ortho[3]     ? 
_reflns.pdbx_aniso_B_tensor_eigenvalue_1               ? 
_reflns.pdbx_aniso_B_tensor_eigenvalue_2               ? 
_reflns.pdbx_aniso_B_tensor_eigenvalue_3               ? 
_reflns.pdbx_orthogonalization_convention              ? 
_reflns.pdbx_percent_possible_ellipsoidal              ? 
_reflns.pdbx_percent_possible_spherical                ? 
_reflns.pdbx_percent_possible_ellipsoidal_anomalous    ? 
_reflns.pdbx_percent_possible_spherical_anomalous      ? 
_reflns.pdbx_redundancy_anomalous                      ? 
_reflns.pdbx_CC_half_anomalous                         ? 
_reflns.pdbx_absDiff_over_sigma_anomalous              ? 
_reflns.pdbx_percent_possible_anomalous                ? 
_reflns.pdbx_observed_signal_threshold                 ? 
_reflns.pdbx_signal_type                               ? 
_reflns.pdbx_signal_details                            ? 
_reflns.pdbx_signal_software_id                        ? 
# 
loop_
_reflns_shell.d_res_high 
_reflns_shell.d_res_low 
_reflns_shell.meanI_over_sigI_all 
_reflns_shell.meanI_over_sigI_obs 
_reflns_shell.number_measured_all 
_reflns_shell.number_measured_obs 
_reflns_shell.number_possible 
_reflns_shell.number_unique_all 
_reflns_shell.number_unique_obs 
_reflns_shell.percent_possible_all 
_reflns_shell.percent_possible_obs 
_reflns_shell.Rmerge_F_all 
_reflns_shell.Rmerge_F_obs 
_reflns_shell.Rmerge_I_all 
_reflns_shell.Rmerge_I_obs 
_reflns_shell.meanI_over_sigI_gt 
_reflns_shell.meanI_over_uI_all 
_reflns_shell.meanI_over_uI_gt 
_reflns_shell.number_measured_gt 
_reflns_shell.number_unique_gt 
_reflns_shell.percent_possible_gt 
_reflns_shell.Rmerge_F_gt 
_reflns_shell.Rmerge_I_gt 
_reflns_shell.pdbx_redundancy 
_reflns_shell.pdbx_Rsym_value 
_reflns_shell.pdbx_chi_squared 
_reflns_shell.pdbx_netI_over_sigmaI_all 
_reflns_shell.pdbx_netI_over_sigmaI_obs 
_reflns_shell.pdbx_Rrim_I_all 
_reflns_shell.pdbx_Rpim_I_all 
_reflns_shell.pdbx_rejects 
_reflns_shell.pdbx_ordinal 
_reflns_shell.pdbx_diffrn_id 
_reflns_shell.pdbx_CC_half 
_reflns_shell.pdbx_CC_star 
_reflns_shell.pdbx_R_split 
_reflns_shell.pdbx_percent_possible_ellipsoidal 
_reflns_shell.pdbx_percent_possible_spherical 
_reflns_shell.pdbx_percent_possible_ellipsoidal_anomalous 
_reflns_shell.pdbx_percent_possible_spherical_anomalous 
_reflns_shell.pdbx_redundancy_anomalous 
_reflns_shell.pdbx_CC_half_anomalous 
_reflns_shell.pdbx_absDiff_over_sigma_anomalous 
_reflns_shell.pdbx_percent_possible_anomalous 
1.010 1.030  ? 1.720 ? 471  361 ? 204 56.500 ? ? ? ? 0.478 ? ? ? ? ? ? ? ? 2.309 ? ? ? ? 0.573 ? ? 1  1 0.336 ? ? ? ? ? ? ? ? ? ? 
1.030 1.060  ? 2.250 ? 1028 336 ? 277 82.400 ? ? ? ? 0.481 ? ? ? ? ? ? ? ? 3.711 ? ? ? ? 0.549 ? ? 2  1 0.592 ? ? ? ? ? ? ? ? ? ? 
1.060 1.090  ? 2.520 ? 1279 352 ? 304 86.400 ? ? ? ? 0.442 ? ? ? ? ? ? ? ? 4.207 ? ? ? ? 0.496 ? ? 3  1 0.620 ? ? ? ? ? ? ? ? ? ? 
1.090 1.120  ? 3.030 ? 1364 347 ? 300 86.500 ? ? ? ? 0.409 ? ? ? ? ? ? ? ? 4.547 ? ? ? ? 0.456 ? ? 4  1 0.730 ? ? ? ? ? ? ? ? ? ? 
1.120 1.160  ? 3.690 ? 1488 349 ? 308 88.300 ? ? ? ? 0.332 ? ? ? ? ? ? ? ? 4.831 ? ? ? ? 0.367 ? ? 5  1 0.865 ? ? ? ? ? ? ? ? ? ? 
1.160 1.200  ? 3.820 ? 1547 331 ? 291 87.900 ? ? ? ? 0.358 ? ? ? ? ? ? ? ? 5.316 ? ? ? ? 0.393 ? ? 6  1 0.714 ? ? ? ? ? ? ? ? ? ? 
1.200 1.250  ? 3.860 ? 1603 342 ? 297 86.800 ? ? ? ? 0.350 ? ? ? ? ? ? ? ? 5.397 ? ? ? ? 0.385 ? ? 7  1 0.732 ? ? ? ? ? ? ? ? ? ? 
1.250 1.300  ? 3.700 ? 1144 258 ? 230 89.100 ? ? ? ? 0.357 ? ? ? ? ? ? ? ? 4.974 ? ? ? ? 0.396 ? ? 8  1 0.715 ? ? ? ? ? ? ? ? ? ? 
1.300 1.360  ? 4.160 ? 1429 279 ? 244 87.500 ? ? ? ? 0.340 ? ? ? ? ? ? ? ? 5.857 ? ? ? ? 0.372 ? ? 9  1 0.812 ? ? ? ? ? ? ? ? ? ? 
1.360 1.420  ? 4.370 ? 1432 258 ? 231 89.500 ? ? ? ? 0.345 ? ? ? ? ? ? ? ? 6.199 ? ? ? ? 0.375 ? ? 10 1 0.770 ? ? ? ? ? ? ? ? ? ? 
1.420 1.500  ? 4.910 ? 1587 284 ? 248 87.300 ? ? ? ? 0.318 ? ? ? ? ? ? ? ? 6.399 ? ? ? ? 0.345 ? ? 11 1 0.773 ? ? ? ? ? ? ? ? ? ? 
1.500 1.590  ? 5.900 ? 1791 262 ? 239 91.200 ? ? ? ? 0.313 ? ? ? ? ? ? ? ? 7.494 ? ? ? ? 0.336 ? ? 12 1 0.831 ? ? ? ? ? ? ? ? ? ? 
1.590 1.700  ? 6.100 ? 1493 234 ? 211 90.200 ? ? ? ? 0.261 ? ? ? ? ? ? ? ? 7.076 ? ? ? ? 0.279 ? ? 13 1 0.899 ? ? ? ? ? ? ? ? ? ? 
1.700 1.840  ? 5.530 ? 1044 193 ? 175 90.700 ? ? ? ? 0.287 ? ? ? ? ? ? ? ? 5.966 ? ? ? ? 0.312 ? ? 14 1 0.873 ? ? ? ? ? ? ? ? ? ? 
1.840 2.010  ? 6.320 ? 1051 191 ? 168 88.000 ? ? ? ? 0.257 ? ? ? ? ? ? ? ? 6.256 ? ? ? ? 0.278 ? ? 15 1 0.942 ? ? ? ? ? ? ? ? ? ? 
2.010 2.250  ? 7.080 ? 1226 195 ? 178 91.300 ? ? ? ? 0.239 ? ? ? ? ? ? ? ? 6.888 ? ? ? ? 0.257 ? ? 16 1 0.969 ? ? ? ? ? ? ? ? ? ? 
2.250 2.600  ? 8.170 ? 1193 166 ? 153 92.200 ? ? ? ? 0.224 ? ? ? ? ? ? ? ? 7.797 ? ? ? ? 0.239 ? ? 17 1 0.951 ? ? ? ? ? ? ? ? ? ? 
2.600 3.180  ? 7.140 ? 597  119 ? 104 87.400 ? ? ? ? 0.207 ? ? ? ? ? ? ? ? 5.740 ? ? ? ? 0.225 ? ? 18 1 0.955 ? ? ? ? ? ? ? ? ? ? 
3.180 4.500  ? 8.140 ? 711  116 ? 107 92.200 ? ? ? ? 0.251 ? ? ? ? ? ? ? ? 6.645 ? ? ? ? 0.270 ? ? 19 1 0.960 ? ? ? ? ? ? ? ? ? ? 
4.500 11.870 ? 9.170 ? 301  51  ? 40  78.400 ? ? ? ? 0.178 ? ? ? ? ? ? ? ? 7.525 ? ? ? ? 0.189 ? ? 20 1 0.984 ? ? ? ? ? ? ? ? ? ? 
# 
_refine.aniso_B[1][1]                            2.2915 
_refine.aniso_B[1][2]                            0.0531 
_refine.aniso_B[1][3]                            1.3435 
_refine.aniso_B[2][2]                            2.1983 
_refine.aniso_B[2][3]                            0.2399 
_refine.aniso_B[3][3]                            -4.4898 
_refine.B_iso_max                                10.810 
_refine.B_iso_mean                               3.6700 
_refine.B_iso_min                                3.000 
_refine.correlation_coeff_Fo_to_Fc               0.8600 
_refine.correlation_coeff_Fo_to_Fc_free          0.8580 
_refine.details                                  ? 
_refine.diff_density_max                         ? 
_refine.diff_density_max_esd                     ? 
_refine.diff_density_min                         ? 
_refine.diff_density_min_esd                     ? 
_refine.diff_density_rms                         ? 
_refine.diff_density_rms_esd                     ? 
_refine.entry_id                                 7RVJ 
_refine.pdbx_refine_id                           'ELECTRON CRYSTALLOGRAPHY' 
_refine.ls_abs_structure_details                 ? 
_refine.ls_abs_structure_Flack                   ? 
_refine.ls_abs_structure_Flack_esd               ? 
_refine.ls_abs_structure_Rogers                  ? 
_refine.ls_abs_structure_Rogers_esd              ? 
_refine.ls_d_res_high                            1.0000 
_refine.ls_d_res_low                             11.8700 
_refine.ls_extinction_coef                       ? 
_refine.ls_extinction_coef_esd                   ? 
_refine.ls_extinction_expression                 ? 
_refine.ls_extinction_method                     ? 
_refine.ls_goodness_of_fit_all                   ? 
_refine.ls_goodness_of_fit_all_esd               ? 
_refine.ls_goodness_of_fit_obs                   ? 
_refine.ls_goodness_of_fit_obs_esd               ? 
_refine.ls_hydrogen_treatment                    ? 
_refine.ls_matrix_type                           ? 
_refine.ls_number_constraints                    ? 
_refine.ls_number_parameters                     ? 
_refine.ls_number_reflns_all                     ? 
_refine.ls_number_reflns_obs                     4309 
_refine.ls_number_reflns_R_free                  429 
_refine.ls_number_reflns_R_work                  ? 
_refine.ls_number_restraints                     ? 
_refine.ls_percent_reflns_obs                    84.7000 
_refine.ls_percent_reflns_R_free                 9.9600 
_refine.ls_R_factor_all                          ? 
_refine.ls_R_factor_obs                          0.2260 
_refine.ls_R_factor_R_free                       0.2330 
_refine.ls_R_factor_R_free_error                 ? 
_refine.ls_R_factor_R_free_error_details         ? 
_refine.ls_R_factor_R_work                       0.2250 
_refine.ls_R_Fsqd_factor_obs                     ? 
_refine.ls_R_I_factor_obs                        ? 
_refine.ls_redundancy_reflns_all                 ? 
_refine.ls_redundancy_reflns_obs                 ? 
_refine.ls_restrained_S_all                      ? 
_refine.ls_restrained_S_obs                      ? 
_refine.ls_shift_over_esd_max                    ? 
_refine.ls_shift_over_esd_mean                   ? 
_refine.ls_structure_factor_coef                 ? 
_refine.ls_weighting_details                     ? 
_refine.ls_weighting_scheme                      ? 
_refine.ls_wR_factor_all                         ? 
_refine.ls_wR_factor_obs                         ? 
_refine.ls_wR_factor_R_free                      ? 
_refine.ls_wR_factor_R_work                      ? 
_refine.occupancy_max                            ? 
_refine.occupancy_min                            ? 
_refine.solvent_model_details                    ? 
_refine.solvent_model_param_bsol                 ? 
_refine.solvent_model_param_ksol                 ? 
_refine.pdbx_R_complete                          ? 
_refine.ls_R_factor_gt                           ? 
_refine.ls_goodness_of_fit_gt                    ? 
_refine.ls_goodness_of_fit_ref                   ? 
_refine.ls_shift_over_su_max                     ? 
_refine.ls_shift_over_su_max_lt                  ? 
_refine.ls_shift_over_su_mean                    ? 
_refine.ls_shift_over_su_mean_lt                 ? 
_refine.pdbx_ls_sigma_I                          ? 
_refine.pdbx_ls_sigma_F                          0.000 
_refine.pdbx_ls_sigma_Fsqd                       ? 
_refine.pdbx_data_cutoff_high_absF               ? 
_refine.pdbx_data_cutoff_high_rms_absF           ? 
_refine.pdbx_data_cutoff_low_absF                ? 
_refine.pdbx_isotropic_thermal_model             ? 
_refine.pdbx_ls_cross_valid_method               THROUGHOUT 
_refine.pdbx_method_to_determine_struct          'AB INITIO PHASING' 
_refine.pdbx_starting_model                      ? 
_refine.pdbx_stereochemistry_target_values       ? 
_refine.pdbx_R_Free_selection_details            RANDOM 
_refine.pdbx_stereochem_target_val_spec_case     ? 
_refine.pdbx_overall_ESU_R                       ? 
_refine.pdbx_overall_ESU_R_Free                  ? 
_refine.pdbx_solvent_vdw_probe_radii             ? 
_refine.pdbx_solvent_ion_probe_radii             ? 
_refine.pdbx_solvent_shrinkage_radii             ? 
_refine.pdbx_real_space_R                        ? 
_refine.pdbx_density_correlation                 ? 
_refine.pdbx_pd_number_of_powder_patterns        ? 
_refine.pdbx_pd_number_of_points                 ? 
_refine.pdbx_pd_meas_number_of_points            ? 
_refine.pdbx_pd_proc_ls_prof_R_factor            ? 
_refine.pdbx_pd_proc_ls_prof_wR_factor           ? 
_refine.pdbx_pd_Marquardt_correlation_coeff      ? 
_refine.pdbx_pd_Fsqrd_R_factor                   ? 
_refine.pdbx_pd_ls_matrix_band_width             ? 
_refine.pdbx_overall_phase_error                 ? 
_refine.pdbx_overall_SU_R_free_Cruickshank_DPI   0.0430 
_refine.pdbx_overall_SU_R_free_Blow_DPI          0.0430 
_refine.pdbx_overall_SU_R_Blow_DPI               0.0440 
_refine.pdbx_TLS_residual_ADP_flag               ? 
_refine.pdbx_diffrn_id                           1 
_refine.overall_SU_B                             ? 
_refine.overall_SU_ML                            ? 
_refine.overall_SU_R_Cruickshank_DPI             0.0470 
_refine.overall_SU_R_free                        ? 
_refine.overall_FOM_free_R_set                   ? 
_refine.overall_FOM_work_R_set                   ? 
_refine.pdbx_average_fsc_overall                 ? 
_refine.pdbx_average_fsc_work                    ? 
_refine.pdbx_average_fsc_free                    ? 
# 
_refine_analyze.entry_id                        7RVJ 
_refine_analyze.pdbx_refine_id                  'ELECTRON CRYSTALLOGRAPHY' 
_refine_analyze.Luzzati_coordinate_error_free   ? 
_refine_analyze.Luzzati_coordinate_error_obs    0.210 
_refine_analyze.Luzzati_d_res_low_free          ? 
_refine_analyze.Luzzati_d_res_low_obs           ? 
_refine_analyze.Luzzati_sigma_a_free            ? 
_refine_analyze.Luzzati_sigma_a_free_details    ? 
_refine_analyze.Luzzati_sigma_a_obs             ? 
_refine_analyze.Luzzati_sigma_a_obs_details     ? 
_refine_analyze.number_disordered_residues      ? 
_refine_analyze.occupancy_sum_hydrogen          ? 
_refine_analyze.occupancy_sum_non_hydrogen      ? 
_refine_analyze.RG_d_res_high                   ? 
_refine_analyze.RG_d_res_low                    ? 
_refine_analyze.RG_free                         ? 
_refine_analyze.RG_work                         ? 
_refine_analyze.RG_free_work_ratio              ? 
_refine_analyze.pdbx_Luzzati_d_res_high_obs     ? 
# 
_refine_hist.pdbx_refine_id                   'ELECTRON CRYSTALLOGRAPHY' 
_refine_hist.cycle_id                         final 
_refine_hist.details                          ? 
_refine_hist.d_res_high                       1.0000 
_refine_hist.d_res_low                        11.8700 
_refine_hist.number_atoms_solvent             8 
_refine_hist.number_atoms_total               134 
_refine_hist.number_reflns_all                ? 
_refine_hist.number_reflns_obs                ? 
_refine_hist.number_reflns_R_free             ? 
_refine_hist.number_reflns_R_work             ? 
_refine_hist.R_factor_all                     ? 
_refine_hist.R_factor_obs                     ? 
_refine_hist.R_factor_R_free                  ? 
_refine_hist.R_factor_R_work                  ? 
_refine_hist.pdbx_number_residues_total       14 
_refine_hist.pdbx_B_iso_mean_ligand           ? 
_refine_hist.pdbx_B_iso_mean_solvent          4.40 
_refine_hist.pdbx_number_atoms_protein        126 
_refine_hist.pdbx_number_atoms_nucleic_acid   0 
_refine_hist.pdbx_number_atoms_ligand         0 
_refine_hist.pdbx_number_atoms_lipid          ? 
_refine_hist.pdbx_number_atoms_carb           ? 
_refine_hist.pdbx_pseudo_atom_details         ? 
# 
loop_
_refine_ls_restr.pdbx_refine_id 
_refine_ls_restr.criterion 
_refine_ls_restr.dev_ideal 
_refine_ls_restr.dev_ideal_target 
_refine_ls_restr.number 
_refine_ls_restr.rejects 
_refine_ls_restr.type 
_refine_ls_restr.weight 
_refine_ls_restr.pdbx_restraint_function 
'ELECTRON CRYSTALLOGRAPHY' ? ?      ? 42  ? t_dihedral_angle_d        2.000  SINUSOIDAL   
'ELECTRON CRYSTALLOGRAPHY' ? ?      ? 10  ? t_trig_c_planes           2.000  HARMONIC     
'ELECTRON CRYSTALLOGRAPHY' ? ?      ? 36  ? t_gen_planes              5.000  HARMONIC     
'ELECTRON CRYSTALLOGRAPHY' ? ?      ? 226 ? t_it                      20.000 HARMONIC     
'ELECTRON CRYSTALLOGRAPHY' ? ?      ? 0   ? t_nbd                     5.000  SEMIHARMONIC 
'ELECTRON CRYSTALLOGRAPHY' ? ?      ? ?   ? t_improper_torsion        ?      ?            
'ELECTRON CRYSTALLOGRAPHY' ? ?      ? ?   ? t_pseud_angle             ?      ?            
'ELECTRON CRYSTALLOGRAPHY' ? ?      ? 14  ? t_chiral_improper_torsion 5.000  SEMIHARMONIC 
'ELECTRON CRYSTALLOGRAPHY' ? ?      ? ?   ? t_sum_occupancies         ?      ?            
'ELECTRON CRYSTALLOGRAPHY' ? ?      ? ?   ? t_utility_distance        ?      ?            
'ELECTRON CRYSTALLOGRAPHY' ? ?      ? ?   ? t_utility_angle           ?      ?            
'ELECTRON CRYSTALLOGRAPHY' ? ?      ? ?   ? t_utility_torsion         ?      ?            
'ELECTRON CRYSTALLOGRAPHY' ? ?      ? 205 ? t_ideal_dist_contact      4.000  SEMIHARMONIC 
'ELECTRON CRYSTALLOGRAPHY' ? 0.010  ? 226 ? t_bond_d                  2.000  HARMONIC     
'ELECTRON CRYSTALLOGRAPHY' ? 0.910  ? 384 ? t_angle_deg               2.000  HARMONIC     
'ELECTRON CRYSTALLOGRAPHY' ? 3.030  ? ?   ? t_omega_torsion           ?      ?            
'ELECTRON CRYSTALLOGRAPHY' ? 22.100 ? ?   ? t_other_torsion           ?      ?            
# 
_refine_ls_shell.pdbx_refine_id                   'ELECTRON CRYSTALLOGRAPHY' 
_refine_ls_shell.d_res_high                       1.0000 
_refine_ls_shell.d_res_low                        1.1200 
_refine_ls_shell.number_reflns_all                ? 
_refine_ls_shell.number_reflns_obs                ? 
_refine_ls_shell.number_reflns_R_free             111 
_refine_ls_shell.number_reflns_R_work             920 
_refine_ls_shell.percent_reflns_obs               73.4300 
_refine_ls_shell.percent_reflns_R_free            10.7700 
_refine_ls_shell.R_factor_all                     ? 
_refine_ls_shell.R_factor_obs                     ? 
_refine_ls_shell.R_factor_R_free                  0.2355 
_refine_ls_shell.R_factor_R_free_error            0.0000 
_refine_ls_shell.R_factor_R_work                  0.2203 
_refine_ls_shell.redundancy_reflns_all            ? 
_refine_ls_shell.redundancy_reflns_obs            ? 
_refine_ls_shell.wR_factor_all                    ? 
_refine_ls_shell.wR_factor_obs                    ? 
_refine_ls_shell.wR_factor_R_free                 ? 
_refine_ls_shell.wR_factor_R_work                 ? 
_refine_ls_shell.pdbx_R_complete                  ? 
_refine_ls_shell.pdbx_total_number_of_bins_used   ? 
_refine_ls_shell.pdbx_phase_error                 ? 
_refine_ls_shell.pdbx_fsc_work                    ? 
_refine_ls_shell.pdbx_fsc_free                    ? 
# 
_struct.entry_id                     7RVJ 
_struct.title                        'Segment from the human prion protein 169-175 YSNQNNF' 
_struct.pdbx_model_details           ? 
_struct.pdbx_formula_weight          ? 
_struct.pdbx_formula_weight_method   ? 
_struct.pdbx_model_type_details      ? 
_struct.pdbx_CASP_flag               N 
# 
_struct_keywords.entry_id        7RVJ 
_struct_keywords.text            'amyloid, prion, fibril, human prion, PROTEIN FIBRIL' 
_struct_keywords.pdbx_keywords   'PROTEIN FIBRIL' 
# 
loop_
_struct_asym.id 
_struct_asym.pdbx_blank_PDB_chainid_flag 
_struct_asym.pdbx_modified 
_struct_asym.entity_id 
_struct_asym.details 
A N N 1 ? 
B N N 1 ? 
C N N 2 ? 
D N N 2 ? 
# 
_struct_ref.id                         1 
_struct_ref.db_name                    UNP 
_struct_ref.db_code                    PRIO_HUMAN 
_struct_ref.pdbx_db_accession          P04156 
_struct_ref.pdbx_db_isoform            ? 
_struct_ref.entity_id                  1 
_struct_ref.pdbx_seq_one_letter_code   YSNQNNF 
_struct_ref.pdbx_align_begin           169 
# 
loop_
_struct_ref_seq.align_id 
_struct_ref_seq.ref_id 
_struct_ref_seq.pdbx_PDB_id_code 
_struct_ref_seq.pdbx_strand_id 
_struct_ref_seq.seq_align_beg 
_struct_ref_seq.pdbx_seq_align_beg_ins_code 
_struct_ref_seq.seq_align_end 
_struct_ref_seq.pdbx_seq_align_end_ins_code 
_struct_ref_seq.pdbx_db_accession 
_struct_ref_seq.db_align_beg 
_struct_ref_seq.pdbx_db_align_beg_ins_code 
_struct_ref_seq.db_align_end 
_struct_ref_seq.pdbx_db_align_end_ins_code 
_struct_ref_seq.pdbx_auth_seq_align_beg 
_struct_ref_seq.pdbx_auth_seq_align_end 
1 1 7RVJ A 1 ? 7 ? P04156 169 ? 175 ? 169 175 
2 1 7RVJ B 1 ? 7 ? P04156 169 ? 175 ? 1   7   
# 
loop_
_pdbx_struct_assembly.id 
_pdbx_struct_assembly.details 
_pdbx_struct_assembly.method_details 
_pdbx_struct_assembly.oligomeric_details 
_pdbx_struct_assembly.oligomeric_count 
1 author_defined_assembly ? monomeric 1 
2 author_defined_assembly ? monomeric 1 
# 
loop_
_pdbx_struct_assembly_gen.assembly_id 
_pdbx_struct_assembly_gen.oper_expression 
_pdbx_struct_assembly_gen.asym_id_list 
1 1 A,C 
2 1 B,D 
# 
_pdbx_struct_assembly_auth_evidence.id                     1 
_pdbx_struct_assembly_auth_evidence.assembly_id            1 
_pdbx_struct_assembly_auth_evidence.experimental_support   'electron microscopy' 
_pdbx_struct_assembly_auth_evidence.details                ? 
# 
_pdbx_struct_oper_list.id                   1 
_pdbx_struct_oper_list.type                 'identity operation' 
_pdbx_struct_oper_list.name                 1_555 
_pdbx_struct_oper_list.symmetry_operation   x,y,z 
_pdbx_struct_oper_list.matrix[1][1]         1.0000000000 
_pdbx_struct_oper_list.matrix[1][2]         0.0000000000 
_pdbx_struct_oper_list.matrix[1][3]         0.0000000000 
_pdbx_struct_oper_list.vector[1]            0.0000000000 
_pdbx_struct_oper_list.matrix[2][1]         0.0000000000 
_pdbx_struct_oper_list.matrix[2][2]         1.0000000000 
_pdbx_struct_oper_list.matrix[2][3]         0.0000000000 
_pdbx_struct_oper_list.vector[2]            0.0000000000 
_pdbx_struct_oper_list.matrix[3][1]         0.0000000000 
_pdbx_struct_oper_list.matrix[3][2]         0.0000000000 
_pdbx_struct_oper_list.matrix[3][3]         1.0000000000 
_pdbx_struct_oper_list.vector[3]            0.0000000000 
# 
_em_3d_reconstruction.entry_id                    7RVJ 
_em_3d_reconstruction.id                          1 
_em_3d_reconstruction.algorithm                   ? 
_em_3d_reconstruction.details                     ? 
_em_3d_reconstruction.refinement_type             ? 
_em_3d_reconstruction.image_processing_id         1 
_em_3d_reconstruction.num_class_averages          ? 
_em_3d_reconstruction.num_particles               ? 
_em_3d_reconstruction.resolution                  1.00 
_em_3d_reconstruction.resolution_method           'DIFFRACTION PATTERN/LAYERLINES' 
_em_3d_reconstruction.symmetry_type               '3D CRYSTAL' 
_em_3d_reconstruction.method                      ? 
_em_3d_reconstruction.nominal_pixel_size          ? 
_em_3d_reconstruction.actual_pixel_size           ? 
_em_3d_reconstruction.magnification_calibration   ? 
# 
_em_entity_assembly.details              ? 
_em_entity_assembly.entity_id_list       1 
_em_entity_assembly.id                   1 
_em_entity_assembly.name                 'Major prion protein' 
_em_entity_assembly.oligomeric_details   ? 
_em_entity_assembly.parent_id            0 
_em_entity_assembly.source               NATURAL 
_em_entity_assembly.synonym              ? 
_em_entity_assembly.type                 COMPLEX 
# 
_em_imaging.id                              1 
_em_imaging.entry_id                        7RVJ 
_em_imaging.accelerating_voltage            300 
_em_imaging.alignment_procedure             . 
_em_imaging.c2_aperture_diameter            . 
_em_imaging.calibrated_defocus_max          ? 
_em_imaging.calibrated_defocus_min          ? 
_em_imaging.calibrated_magnification        ? 
_em_imaging.cryogen                         NITROGEN 
_em_imaging.details                         ? 
_em_imaging.electron_source                 'FIELD EMISSION GUN' 
_em_imaging.illumination_mode               'FLOOD BEAM' 
_em_imaging.microscope_model                'FEI TECNAI F30' 
_em_imaging.mode                            DIFFRACTION 
_em_imaging.nominal_cs                      ? 
_em_imaging.nominal_defocus_max             ? 
_em_imaging.nominal_defocus_min             ? 
_em_imaging.nominal_magnification           ? 
_em_imaging.recording_temperature_maximum   ? 
_em_imaging.recording_temperature_minimum   ? 
_em_imaging.residual_tilt                   ? 
_em_imaging.specimen_holder_model           . 
_em_imaging.specimen_id                     1 
_em_imaging.citation_id                     ? 
_em_imaging.date                            ? 
_em_imaging.temperature                     ? 
_em_imaging.tilt_angle_min                  ? 
_em_imaging.tilt_angle_max                  ? 
_em_imaging.astigmatism                     ? 
_em_imaging.detector_distance               ? 
_em_imaging.electron_beam_tilt_params       ? 
_em_imaging.specimen_holder_type            ? 
# 
_em_experiment.entry_id                7RVJ 
_em_experiment.id                      1 
_em_experiment.aggregation_state       '3D ARRAY' 
_em_experiment.reconstruction_method   CRYSTALLOGRAPHY 
_em_experiment.entity_assembly_id      1 
# 
loop_
_chem_comp_atom.comp_id 
_chem_comp_atom.atom_id 
_chem_comp_atom.type_symbol 
_chem_comp_atom.pdbx_aromatic_flag 
_chem_comp_atom.pdbx_stereo_config 
_chem_comp_atom.pdbx_ordinal 
ASN N    N N N 1   
ASN CA   C N S 2   
ASN C    C N N 3   
ASN O    O N N 4   
ASN CB   C N N 5   
ASN CG   C N N 6   
ASN OD1  O N N 7   
ASN ND2  N N N 8   
ASN OXT  O N N 9   
ASN H    H N N 10  
ASN H2   H N N 11  
ASN HA   H N N 12  
ASN HB2  H N N 13  
ASN HB3  H N N 14  
ASN HD21 H N N 15  
ASN HD22 H N N 16  
ASN HXT  H N N 17  
GLN N    N N N 18  
GLN CA   C N S 19  
GLN C    C N N 20  
GLN O    O N N 21  
GLN CB   C N N 22  
GLN CG   C N N 23  
GLN CD   C N N 24  
GLN OE1  O N N 25  
GLN NE2  N N N 26  
GLN OXT  O N N 27  
GLN H    H N N 28  
GLN H2   H N N 29  
GLN HA   H N N 30  
GLN HB2  H N N 31  
GLN HB3  H N N 32  
GLN HG2  H N N 33  
GLN HG3  H N N 34  
GLN HE21 H N N 35  
GLN HE22 H N N 36  
GLN HXT  H N N 37  
HOH O    O N N 38  
HOH H1   H N N 39  
HOH H2   H N N 40  
PHE N    N N N 41  
PHE CA   C N S 42  
PHE C    C N N 43  
PHE O    O N N 44  
PHE CB   C N N 45  
PHE CG   C Y N 46  
PHE CD1  C Y N 47  
PHE CD2  C Y N 48  
PHE CE1  C Y N 49  
PHE CE2  C Y N 50  
PHE CZ   C Y N 51  
PHE OXT  O N N 52  
PHE H    H N N 53  
PHE H2   H N N 54  
PHE HA   H N N 55  
PHE HB2  H N N 56  
PHE HB3  H N N 57  
PHE HD1  H N N 58  
PHE HD2  H N N 59  
PHE HE1  H N N 60  
PHE HE2  H N N 61  
PHE HZ   H N N 62  
PHE HXT  H N N 63  
SER N    N N N 64  
SER CA   C N S 65  
SER C    C N N 66  
SER O    O N N 67  
SER CB   C N N 68  
SER OG   O N N 69  
SER OXT  O N N 70  
SER H    H N N 71  
SER H2   H N N 72  
SER HA   H N N 73  
SER HB2  H N N 74  
SER HB3  H N N 75  
SER HG   H N N 76  
SER HXT  H N N 77  
TYR N    N N N 78  
TYR CA   C N S 79  
TYR C    C N N 80  
TYR O    O N N 81  
TYR CB   C N N 82  
TYR CG   C Y N 83  
TYR CD1  C Y N 84  
TYR CD2  C Y N 85  
TYR CE1  C Y N 86  
TYR CE2  C Y N 87  
TYR CZ   C Y N 88  
TYR OH   O N N 89  
TYR OXT  O N N 90  
TYR H    H N N 91  
TYR H2   H N N 92  
TYR HA   H N N 93  
TYR HB2  H N N 94  
TYR HB3  H N N 95  
TYR HD1  H N N 96  
TYR HD2  H N N 97  
TYR HE1  H N N 98  
TYR HE2  H N N 99  
TYR HH   H N N 100 
TYR HXT  H N N 101 
# 
loop_
_chem_comp_bond.comp_id 
_chem_comp_bond.atom_id_1 
_chem_comp_bond.atom_id_2 
_chem_comp_bond.value_order 
_chem_comp_bond.pdbx_aromatic_flag 
_chem_comp_bond.pdbx_stereo_config 
_chem_comp_bond.pdbx_ordinal 
ASN N   CA   sing N N 1  
ASN N   H    sing N N 2  
ASN N   H2   sing N N 3  
ASN CA  C    sing N N 4  
ASN CA  CB   sing N N 5  
ASN CA  HA   sing N N 6  
ASN C   O    doub N N 7  
ASN C   OXT  sing N N 8  
ASN CB  CG   sing N N 9  
ASN CB  HB2  sing N N 10 
ASN CB  HB3  sing N N 11 
ASN CG  OD1  doub N N 12 
ASN CG  ND2  sing N N 13 
ASN ND2 HD21 sing N N 14 
ASN ND2 HD22 sing N N 15 
ASN OXT HXT  sing N N 16 
GLN N   CA   sing N N 17 
GLN N   H    sing N N 18 
GLN N   H2   sing N N 19 
GLN CA  C    sing N N 20 
GLN CA  CB   sing N N 21 
GLN CA  HA   sing N N 22 
GLN C   O    doub N N 23 
GLN C   OXT  sing N N 24 
GLN CB  CG   sing N N 25 
GLN CB  HB2  sing N N 26 
GLN CB  HB3  sing N N 27 
GLN CG  CD   sing N N 28 
GLN CG  HG2  sing N N 29 
GLN CG  HG3  sing N N 30 
GLN CD  OE1  doub N N 31 
GLN CD  NE2  sing N N 32 
GLN NE2 HE21 sing N N 33 
GLN NE2 HE22 sing N N 34 
GLN OXT HXT  sing N N 35 
HOH O   H1   sing N N 36 
HOH O   H2   sing N N 37 
PHE N   CA   sing N N 38 
PHE N   H    sing N N 39 
PHE N   H2   sing N N 40 
PHE CA  C    sing N N 41 
PHE CA  CB   sing N N 42 
PHE CA  HA   sing N N 43 
PHE C   O    doub N N 44 
PHE C   OXT  sing N N 45 
PHE CB  CG   sing N N 46 
PHE CB  HB2  sing N N 47 
PHE CB  HB3  sing N N 48 
PHE CG  CD1  doub Y N 49 
PHE CG  CD2  sing Y N 50 
PHE CD1 CE1  sing Y N 51 
PHE CD1 HD1  sing N N 52 
PHE CD2 CE2  doub Y N 53 
PHE CD2 HD2  sing N N 54 
PHE CE1 CZ   doub Y N 55 
PHE CE1 HE1  sing N N 56 
PHE CE2 CZ   sing Y N 57 
PHE CE2 HE2  sing N N 58 
PHE CZ  HZ   sing N N 59 
PHE OXT HXT  sing N N 60 
SER N   CA   sing N N 61 
SER N   H    sing N N 62 
SER N   H2   sing N N 63 
SER CA  C    sing N N 64 
SER CA  CB   sing N N 65 
SER CA  HA   sing N N 66 
SER C   O    doub N N 67 
SER C   OXT  sing N N 68 
SER CB  OG   sing N N 69 
SER CB  HB2  sing N N 70 
SER CB  HB3  sing N N 71 
SER OG  HG   sing N N 72 
SER OXT HXT  sing N N 73 
TYR N   CA   sing N N 74 
TYR N   H    sing N N 75 
TYR N   H2   sing N N 76 
TYR CA  C    sing N N 77 
TYR CA  CB   sing N N 78 
TYR CA  HA   sing N N 79 
TYR C   O    doub N N 80 
TYR C   OXT  sing N N 81 
TYR CB  CG   sing N N 82 
TYR CB  HB2  sing N N 83 
TYR CB  HB3  sing N N 84 
TYR CG  CD1  doub Y N 85 
TYR CG  CD2  sing Y N 86 
TYR CD1 CE1  sing Y N 87 
TYR CD1 HD1  sing N N 88 
TYR CD2 CE2  doub Y N 89 
TYR CD2 HD2  sing N N 90 
TYR CE1 CZ   doub Y N 91 
TYR CE1 HE1  sing N N 92 
TYR CE2 CZ   sing Y N 93 
TYR CE2 HE2  sing N N 94 
TYR CZ  OH   sing N N 95 
TYR OH  HH   sing N N 96 
TYR OXT HXT  sing N N 97 
# 
_em_3d_crystal_entity.id                    1 
_em_3d_crystal_entity.image_processing_id   1 
_em_3d_crystal_entity.angle_alpha           86.520 
_em_3d_crystal_entity.angle_beta            77.160 
_em_3d_crystal_entity.angle_gamma           85.680 
_em_3d_crystal_entity.length_a              24.390 
_em_3d_crystal_entity.length_b              4.950 
_em_3d_crystal_entity.length_c              20.860 
_em_3d_crystal_entity.space_group_name      'P 1' 
_em_3d_crystal_entity.space_group_num       1 
# 
_em_diffraction.id                1 
_em_diffraction.camera_length     1 
_em_diffraction.imaging_id        1 
_em_diffraction.tilt_angle_list   ? 
# 
_em_entity_assembly_naturalsource.cell                 ? 
_em_entity_assembly_naturalsource.cellular_location    ? 
_em_entity_assembly_naturalsource.entity_assembly_id   1 
_em_entity_assembly_naturalsource.id                   1 
_em_entity_assembly_naturalsource.ncbi_tax_id          9606 
_em_entity_assembly_naturalsource.organ                ? 
_em_entity_assembly_naturalsource.organelle            ? 
_em_entity_assembly_naturalsource.organism             'Homo sapiens' 
_em_entity_assembly_naturalsource.strain               ? 
_em_entity_assembly_naturalsource.tissue               ? 
# 
_em_image_processing.id                   1 
_em_image_processing.image_recording_id   1 
_em_image_processing.details              ? 
# 
_em_image_recording.id                            1 
_em_image_recording.imaging_id                    1 
_em_image_recording.avg_electron_dose_per_image   . 
_em_image_recording.average_exposure_time         . 
_em_image_recording.details                       ? 
_em_image_recording.detector_mode                 ? 
_em_image_recording.film_or_detector_model        'TVIPS TEMCAM-F416 (4k x 4k)' 
_em_image_recording.num_diffraction_images        . 
_em_image_recording.num_grids_imaged              1 
_em_image_recording.num_real_images               1 
# 
_em_specimen.id                      1 
_em_specimen.experiment_id           1 
_em_specimen.concentration           ? 
_em_specimen.details                 ? 
_em_specimen.embedding_applied       NO 
_em_specimen.shadowing_applied       NO 
_em_specimen.staining_applied        NO 
_em_specimen.vitrification_applied   NO 
# 
loop_
_pdbx_audit_support.funding_organization 
_pdbx_audit_support.country 
_pdbx_audit_support.grant_number 
_pdbx_audit_support.ordinal 
'National Institutes of Health/National Institute of General Medical Sciences (NIH/NIGMS)'        'United States' R35GM128867  1 
'National Institutes of Health/National Institute Of Allergy and Infectious Diseases (NIH/NIAID)' 'United States' 1F31AI143368 2 
# 
_atom_sites.entry_id                    7RVJ 
_atom_sites.Cartn_transf_matrix[1][1]   ? 
_atom_sites.Cartn_transf_matrix[1][2]   ? 
_atom_sites.Cartn_transf_matrix[1][3]   ? 
_atom_sites.Cartn_transf_matrix[2][1]   ? 
_atom_sites.Cartn_transf_matrix[2][2]   ? 
_atom_sites.Cartn_transf_matrix[2][3]   ? 
_atom_sites.Cartn_transf_matrix[3][1]   ? 
_atom_sites.Cartn_transf_matrix[3][2]   ? 
_atom_sites.Cartn_transf_matrix[3][3]   ? 
_atom_sites.Cartn_transf_vector[1]      ? 
_atom_sites.Cartn_transf_vector[2]      ? 
_atom_sites.Cartn_transf_vector[3]      ? 
_atom_sites.fract_transf_matrix[1][1]   -0.03229162 
_atom_sites.fract_transf_matrix[1][2]   0.01290084 
_atom_sites.fract_transf_matrix[1][3]   -0.02379762 
_atom_sites.fract_transf_matrix[2][1]   0.00286054 
_atom_sites.fract_transf_matrix[2][2]   -0.18560390 
_atom_sites.fract_transf_matrix[2][3]   -0.08168376 
_atom_sites.fract_transf_matrix[3][1]   -0.02240179 
_atom_sites.fract_transf_matrix[3][2]   -0.01588837 
_atom_sites.fract_transf_matrix[3][3]   0.04084276 
_atom_sites.fract_transf_vector[1]      0.553777 
_atom_sites.fract_transf_vector[2]      0.088933 
_atom_sites.fract_transf_vector[3]      0.388235 
_atom_sites.solution_primary            ? 
_atom_sites.solution_secondary          ? 
_atom_sites.solution_hydrogens          ? 
_atom_sites.special_details             ? 
# 
loop_
_atom_type.symbol 
C 
H 
N 
O 
# 
loop_
_atom_site.group_PDB 
_atom_site.id 
_atom_site.type_symbol 
_atom_site.label_atom_id 
_atom_site.label_alt_id 
_atom_site.label_comp_id 
_atom_site.label_asym_id 
_atom_site.label_entity_id 
_atom_site.label_seq_id 
_atom_site.pdbx_PDB_ins_code 
_atom_site.Cartn_x 
_atom_site.Cartn_y 
_atom_site.Cartn_z 
_atom_site.occupancy 
_atom_site.B_iso_or_equiv 
_atom_site.pdbx_formal_charge 
_atom_site.auth_seq_id 
_atom_site.auth_comp_id 
_atom_site.auth_asym_id 
_atom_site.auth_atom_id 
_atom_site.pdbx_PDB_model_num 
ATOM   1   N N    . TYR A 1 1 ? 7.979   -1.337 -2.049  1.00 3.00  ? 169 TYR A N    1 
ATOM   2   C CA   . TYR A 1 1 ? 7.105   -0.508 -2.889  1.00 3.00  ? 169 TYR A CA   1 
ATOM   3   C C    . TYR A 1 1 ? 5.673   -1.081 -2.893  1.00 3.70  ? 169 TYR A C    1 
ATOM   4   O O    . TYR A 1 1 ? 5.496   -2.284 -3.094  1.00 3.00  ? 169 TYR A O    1 
ATOM   5   C CB   . TYR A 1 1 ? 7.681   -0.409 -4.332  1.00 3.33  ? 169 TYR A CB   1 
ATOM   6   C CG   . TYR A 1 1 ? 6.840   0.357  -5.338  1.00 3.00  ? 169 TYR A CG   1 
ATOM   7   C CD1  . TYR A 1 1 ? 5.762   -0.247 -5.978  1.00 3.66  ? 169 TYR A CD1  1 
ATOM   8   C CD2  . TYR A 1 1 ? 7.180   1.650  -5.723  1.00 3.17  ? 169 TYR A CD2  1 
ATOM   9   C CE1  . TYR A 1 1 ? 4.991   0.445  -6.914  1.00 4.38  ? 169 TYR A CE1  1 
ATOM   10  C CE2  . TYR A 1 1 ? 6.433   2.344  -6.680  1.00 3.00  ? 169 TYR A CE2  1 
ATOM   11  C CZ   . TYR A 1 1 ? 5.326   1.746  -7.260  1.00 3.03  ? 169 TYR A CZ   1 
ATOM   12  O OH   . TYR A 1 1 ? 4.606   2.443  -8.205  1.00 3.00  ? 169 TYR A OH   1 
ATOM   13  H H1   . TYR A 1 1 ? 8.906   -1.496 -2.430  1.00 4.57  ? 169 TYR A H1   1 
ATOM   14  H HA   . TYR A 1 1 ? 7.089   0.498  -2.477  1.00 4.33  ? 169 TYR A HA   1 
ATOM   15  H HB2  . TYR A 1 1 ? 8.660   0.066  -4.287  1.00 4.22  ? 169 TYR A HB2  1 
ATOM   16  H HB3  . TYR A 1 1 ? 7.785   -1.419 -4.726  1.00 5.13  ? 169 TYR A HB3  1 
ATOM   17  H HD1  . TYR A 1 1 ? 5.477   -1.263 -5.708  1.00 3.57  ? 169 TYR A HD1  1 
ATOM   18  H HD2  . TYR A 1 1 ? 8.041   2.139  -5.270  1.00 3.42  ? 169 TYR A HD2  1 
ATOM   19  H HE1  . TYR A 1 1 ? 4.137   -0.044 -7.381  1.00 4.34  ? 169 TYR A HE1  1 
ATOM   20  H HE2  . TYR A 1 1 ? 6.712   3.360  -6.956  1.00 3.00  ? 169 TYR A HE2  1 
ATOM   21  H HH   . TYR A 1 1 ? 3.694   2.066  -8.308  0.00 3.00  ? 169 TYR A HH   1 
ATOM   22  N N    . SER A 1 2 ? 4.654   -0.203 -2.697  1.00 3.00  ? 170 SER A N    1 
ATOM   23  C CA   . SER A 1 2 ? 3.230   -0.570 -2.747  1.00 3.18  ? 170 SER A CA   1 
ATOM   24  C C    . SER A 1 2 ? 2.461   0.559  -3.418  1.00 3.00  ? 170 SER A C    1 
ATOM   25  O O    . SER A 1 2 ? 2.695   1.730  -3.098  1.00 3.00  ? 170 SER A O    1 
ATOM   26  C CB   . SER A 1 2 ? 2.679   -0.840 -1.350  1.00 5.58  ? 170 SER A CB   1 
ATOM   27  O OG   . SER A 1 2 ? 3.428   -1.870 -0.728  1.00 10.12 ? 170 SER A OG   1 
ATOM   28  H H    . SER A 1 2 ? 4.807   0.780  -2.492  1.00 3.97  ? 170 SER A H    1 
ATOM   29  H HA   . SER A 1 2 ? 3.107   -1.475 -3.336  1.00 5.23  ? 170 SER A HA   1 
ATOM   30  H HB2  . SER A 1 2 ? 2.735   0.068  -0.751  1.00 5.62  ? 170 SER A HB2  1 
ATOM   31  H HB3  . SER A 1 2 ? 1.642   -1.162 -1.433  1.00 5.56  ? 170 SER A HB3  1 
ATOM   32  H HG   . SER A 1 2 ? 2.819   -2.492 -0.251  0.00 9.51  ? 170 SER A HG   1 
ATOM   33  N N    . ASN A 1 3 ? 1.580   0.222  -4.378  1.00 3.00  ? 171 ASN A N    1 
ATOM   34  C CA   . ASN A 1 3 ? 0.794   1.214  -5.107  1.00 3.00  ? 171 ASN A CA   1 
ATOM   35  C C    . ASN A 1 3 ? -0.586  0.649  -5.439  1.00 4.32  ? 171 ASN A C    1 
ATOM   36  O O    . ASN A 1 3 ? -0.739  -0.550 -5.692  1.00 3.00  ? 171 ASN A O    1 
ATOM   37  C CB   . ASN A 1 3 ? 1.544   1.632  -6.394  1.00 3.00  ? 171 ASN A CB   1 
ATOM   38  C CG   . ASN A 1 3 ? 0.872   2.716  -7.205  1.00 4.44  ? 171 ASN A CG   1 
ATOM   39  O OD1  . ASN A 1 3 ? 0.858   3.878  -6.789  1.00 3.00  ? 171 ASN A OD1  1 
ATOM   40  N ND2  . ASN A 1 3 ? 0.282   2.389  -8.362  1.00 3.00  ? 171 ASN A ND2  1 
ATOM   41  H H    . ASN A 1 3 ? 1.406   -0.733 -4.676  1.00 3.85  ? 171 ASN A H    1 
ATOM   42  H HA   . ASN A 1 3 ? 0.669   2.096  -4.483  1.00 3.63  ? 171 ASN A HA   1 
ATOM   43  H HB2  . ASN A 1 3 ? 2.515   2.032  -6.107  1.00 3.00  ? 171 ASN A HB2  1 
ATOM   44  H HB3  . ASN A 1 3 ? 1.697   0.754  -7.017  1.00 3.80  ? 171 ASN A HB3  1 
ATOM   45  H HD21 . ASN A 1 3 ? -0.153  3.118  -8.918  1.00 3.00  ? 171 ASN A HD21 1 
ATOM   46  H HD22 . ASN A 1 3 ? 0.277   1.428  -8.690  1.00 3.00  ? 171 ASN A HD22 1 
ATOM   47  N N    . GLN A 1 4 ? -1.598  1.515  -5.428  1.00 3.00  ? 172 GLN A N    1 
ATOM   48  C CA   . GLN A 1 4 ? -2.957  1.128  -5.816  1.00 3.00  ? 172 GLN A CA   1 
ATOM   49  C C    . GLN A 1 4 ? -3.484  2.203  -6.766  1.00 3.00  ? 172 GLN A C    1 
ATOM   50  O O    . GLN A 1 4 ? -3.473  3.392  -6.411  1.00 3.00  ? 172 GLN A O    1 
ATOM   51  C CB   . GLN A 1 4 ? -3.876  0.948  -4.583  1.00 3.00  ? 172 GLN A CB   1 
ATOM   52  C CG   . GLN A 1 4 ? -5.272  0.404  -4.905  1.00 3.00  ? 172 GLN A CG   1 
ATOM   53  C CD   . GLN A 1 4 ? -6.175  0.353  -3.686  1.00 3.00  ? 172 GLN A CD   1 
ATOM   54  O OE1  . GLN A 1 4 ? -6.411  1.386  -3.017  1.00 3.00  ? 172 GLN A OE1  1 
ATOM   55  N NE2  . GLN A 1 4 ? -6.687  -0.841 -3.337  1.00 3.00  ? 172 GLN A NE2  1 
ATOM   56  H H    . GLN A 1 4 ? -1.513  2.485  -5.141  1.00 3.92  ? 172 GLN A H    1 
ATOM   57  H HA   . GLN A 1 4 ? -2.950  0.179  -6.350  1.00 3.00  ? 172 GLN A HA   1 
ATOM   58  H HB2  . GLN A 1 4 ? -3.408  0.248  -3.893  1.00 3.15  ? 172 GLN A HB2  1 
ATOM   59  H HB3  . GLN A 1 4 ? -4.000  1.916  -4.101  1.00 3.01  ? 172 GLN A HB3  1 
ATOM   60  H HG2  . GLN A 1 4 ? -5.746  1.051  -5.641  1.00 3.00  ? 172 GLN A HG2  1 
ATOM   61  H HG3  . GLN A 1 4 ? -5.176  -0.600 -5.313  1.00 3.00  ? 172 GLN A HG3  1 
ATOM   62  H HE21 . GLN A 1 4 ? -7.297  -0.909 -2.528  1.00 3.00  ? 172 GLN A HE21 1 
ATOM   63  H HE22 . GLN A 1 4 ? -6.479  -1.676 -3.875  1.00 3.67  ? 172 GLN A HE22 1 
ATOM   64  N N    . ASN A 1 5 ? -3.923  1.789  -7.984  1.00 3.00  ? 173 ASN A N    1 
ATOM   65  C CA   . ASN A 1 5 ? -4.489  2.678  -9.000  1.00 3.00  ? 173 ASN A CA   1 
ATOM   66  C C    . ASN A 1 5 ? -5.996  2.433  -9.054  1.00 3.00  ? 173 ASN A C    1 
ATOM   67  O O    . ASN A 1 5 ? -6.437  1.362  -9.490  1.00 3.00  ? 173 ASN A O    1 
ATOM   68  C CB   . ASN A 1 5 ? -3.868  2.430  -10.389 1.00 3.00  ? 173 ASN A CB   1 
ATOM   69  C CG   . ASN A 1 5 ? -2.402  2.798  -10.469 1.00 3.00  ? 173 ASN A CG   1 
ATOM   70  O OD1  . ASN A 1 5 ? -1.993  3.880  -10.015 1.00 3.00  ? 173 ASN A OD1  1 
ATOM   71  N ND2  . ASN A 1 5 ? -1.555  1.913  -11.012 1.00 3.00  ? 173 ASN A ND2  1 
ATOM   72  H H    . ASN A 1 5 ? -3.889  0.823  -8.295  1.00 3.00  ? 173 ASN A H    1 
ATOM   73  H HA   . ASN A 1 5 ? -4.313  3.718  -8.732  1.00 3.00  ? 173 ASN A HA   1 
ATOM   74  H HB2  . ASN A 1 5 ? -3.988  1.378  -10.645 1.00 3.00  ? 173 ASN A HB2  1 
ATOM   75  H HB3  . ASN A 1 5 ? -4.391  3.044  -11.122 1.00 3.00  ? 173 ASN A HB3  1 
ATOM   76  H HD21 . ASN A 1 5 ? -0.570  2.148  -11.078 1.00 3.00  ? 173 ASN A HD21 1 
ATOM   77  H HD22 . ASN A 1 5 ? -1.889  1.022  -11.366 1.00 3.19  ? 173 ASN A HD22 1 
ATOM   78  N N    . ASN A 1 6 ? -6.791  3.410  -8.558  1.00 3.00  ? 174 ASN A N    1 
ATOM   79  C CA   . ASN A 1 6 ? -8.254  3.336  -8.515  1.00 3.00  ? 174 ASN A CA   1 
ATOM   80  C C    . ASN A 1 6 ? -8.836  4.268  -9.594  1.00 3.67  ? 174 ASN A C    1 
ATOM   81  O O    . ASN A 1 6 ? -9.107  5.443  -9.315  1.00 3.00  ? 174 ASN A O    1 
ATOM   82  C CB   . ASN A 1 6 ? -8.780  3.674  -7.102  1.00 3.00  ? 174 ASN A CB   1 
ATOM   83  C CG   . ASN A 1 6 ? -8.248  2.746  -6.024  1.00 5.83  ? 174 ASN A CG   1 
ATOM   84  O OD1  . ASN A 1 6 ? -8.198  1.519  -6.183  1.00 3.00  ? 174 ASN A OD1  1 
ATOM   85  N ND2  . ASN A 1 6 ? -7.792  3.303  -4.920  1.00 3.00  ? 174 ASN A ND2  1 
ATOM   86  H H    . ASN A 1 6 ? -6.439  4.285  -8.179  1.00 4.23  ? 174 ASN A H    1 
ATOM   87  H HA   . ASN A 1 6 ? -8.579  2.325  -8.749  1.00 3.00  ? 174 ASN A HA   1 
ATOM   88  H HB2  . ASN A 1 6 ? -8.489  4.692  -6.851  1.00 3.81  ? 174 ASN A HB2  1 
ATOM   89  H HB3  . ASN A 1 6 ? -9.866  3.593  -7.098  1.00 3.00  ? 174 ASN A HB3  1 
ATOM   90  H HD21 . ASN A 1 6 ? -7.433  2.720  -4.172  1.00 3.15  ? 174 ASN A HD21 1 
ATOM   91  H HD22 . ASN A 1 6 ? -7.811  4.311  -4.796  1.00 3.00  ? 174 ASN A HD22 1 
ATOM   92  N N    . PHE A 1 7 ? -9.005  3.744  -10.840 1.00 3.00  ? 175 PHE A N    1 
ATOM   93  C CA   . PHE A 1 7 ? -9.542  4.503  -11.986 1.00 3.00  ? 175 PHE A CA   1 
ATOM   94  C C    . PHE A 1 7 ? -11.046 4.825  -11.766 1.00 3.00  ? 175 PHE A C    1 
ATOM   95  O O    . PHE A 1 7 ? -11.557 5.813  -12.344 1.00 3.90  ? 175 PHE A O    1 
ATOM   96  C CB   . PHE A 1 7 ? -9.346  3.742  -13.316 1.00 3.03  ? 175 PHE A CB   1 
ATOM   97  C CG   . PHE A 1 7 ? -7.920  3.746  -13.825 1.00 3.23  ? 175 PHE A CG   1 
ATOM   98  C CD1  . PHE A 1 7 ? -7.415  4.840  -14.523 1.00 3.99  ? 175 PHE A CD1  1 
ATOM   99  C CD2  . PHE A 1 7 ? -7.049  2.711  -13.511 1.00 3.82  ? 175 PHE A CD2  1 
ATOM   100 C CE1  . PHE A 1 7 ? -6.093  4.857  -14.969 1.00 3.85  ? 175 PHE A CE1  1 
ATOM   101 C CE2  . PHE A 1 7 ? -5.725  2.732  -13.951 1.00 6.30  ? 175 PHE A CE2  1 
ATOM   102 C CZ   . PHE A 1 7 ? -5.249  3.812  -14.662 1.00 4.20  ? 175 PHE A CZ   1 
ATOM   103 O OXT  . PHE A 1 7 ? -11.704 4.085  -10.994 1.00 3.15  ? 175 PHE A OXT  1 
ATOM   104 H H    . PHE A 1 7 ? -8.780  2.779  -11.063 1.00 4.74  ? 175 PHE A H    1 
ATOM   105 H HA   . PHE A 1 7 ? -8.985  5.434  -12.078 1.00 3.58  ? 175 PHE A HA   1 
ATOM   106 H HB2  . PHE A 1 7 ? -9.678  2.716  -13.180 1.00 5.23  ? 175 PHE A HB2  1 
ATOM   107 H HB3  . PHE A 1 7 ? -9.957  4.214  -14.081 1.00 3.46  ? 175 PHE A HB3  1 
ATOM   108 H HD1  . PHE A 1 7 ? -8.070  5.673  -14.774 1.00 3.00  ? 175 PHE A HD1  1 
ATOM   109 H HD2  . PHE A 1 7 ? -7.411  1.852  -12.951 1.00 4.11  ? 175 PHE A HD2  1 
ATOM   110 H HE1  . PHE A 1 7 ? -5.715  5.709  -15.533 1.00 5.46  ? 175 PHE A HE1  1 
ATOM   111 H HE2  . PHE A 1 7 ? -5.065  1.899  -13.715 1.00 6.60  ? 175 PHE A HE2  1 
ATOM   112 H HZ   . PHE A 1 7 ? -4.216  3.830  -15.006 1.00 4.61  ? 175 PHE A HZ   1 
ATOM   113 N N    . TYR B 1 1 ? 11.877  -4.733 10.949  1.00 3.00  ? 1   TYR B N    1 
ATOM   114 C CA   . TYR B 1 1 ? 11.108  -3.837 10.096  1.00 3.00  ? 1   TYR B CA   1 
ATOM   115 C C    . TYR B 1 1 ? 9.718   -4.442 9.938   1.00 3.00  ? 1   TYR B C    1 
ATOM   116 O O    . TYR B 1 1 ? 9.611   -5.585 9.494   1.00 3.00  ? 1   TYR B O    1 
ATOM   117 C CB   . TYR B 1 1 ? 11.848  -3.582 8.741   1.00 3.00  ? 1   TYR B CB   1 
ATOM   118 C CG   . TYR B 1 1 ? 11.041  -2.906 7.643   1.00 3.00  ? 1   TYR B CG   1 
ATOM   119 C CD1  . TYR B 1 1 ? 10.175  -1.848 7.927   1.00 3.00  ? 1   TYR B CD1  1 
ATOM   120 C CD2  . TYR B 1 1 ? 11.159  -3.309 6.313   1.00 3.00  ? 1   TYR B CD2  1 
ATOM   121 C CE1  . TYR B 1 1 ? 9.453   -1.212 6.916   1.00 3.00  ? 1   TYR B CE1  1 
ATOM   122 C CE2  . TYR B 1 1 ? 10.420  -2.701 5.303   1.00 3.00  ? 1   TYR B CE2  1 
ATOM   123 C CZ   . TYR B 1 1 ? 9.548   -1.668 5.610   1.00 3.05  ? 1   TYR B CZ   1 
ATOM   124 O OH   . TYR B 1 1 ? 8.836   -1.089 4.588   1.00 3.00  ? 1   TYR B OH   1 
ATOM   125 H H1   . TYR B 1 1 ? 12.840  -4.866 10.655  1.00 3.00  ? 1   TYR B H1   1 
ATOM   126 H HA   . TYR B 1 1 ? 11.027  -2.881 10.606  1.00 3.00  ? 1   TYR B HA   1 
ATOM   127 H HB2  . TYR B 1 1 ? 12.727  -2.968 8.930   1.00 4.39  ? 1   TYR B HB2  1 
ATOM   128 H HB3  . TYR B 1 1 ? 12.155  -4.548 8.346   1.00 3.00  ? 1   TYR B HB3  1 
ATOM   129 H HD1  . TYR B 1 1 ? 10.089  -1.478 8.946   1.00 4.28  ? 1   TYR B HD1  1 
ATOM   130 H HD2  . TYR B 1 1 ? 11.811  -4.144 6.060   1.00 3.00  ? 1   TYR B HD2  1 
ATOM   131 H HE1  . TYR B 1 1 ? 8.771   -0.399 7.162   1.00 3.08  ? 1   TYR B HE1  1 
ATOM   132 H HE2  . TYR B 1 1 ? 10.518  -3.052 4.276   1.00 4.24  ? 1   TYR B HE2  1 
ATOM   133 H HH   . TYR B 1 1 ? 8.806   -0.104 4.704   0.00 3.00  ? 1   TYR B HH   1 
ATOM   134 N N    . SER B 1 2 ? 8.668   -3.722 10.392  1.00 3.00  ? 2   SER B N    1 
ATOM   135 C CA   . SER B 1 2 ? 7.261   -4.139 10.284  1.00 3.00  ? 2   SER B CA   1 
ATOM   136 C C    . SER B 1 2 ? 6.504   -3.002 9.584   1.00 3.00  ? 2   SER B C    1 
ATOM   137 O O    . SER B 1 2 ? 6.635   -1.833 9.967   1.00 3.00  ? 2   SER B O    1 
ATOM   138 C CB   . SER B 1 2 ? 6.674   -4.471 11.657  1.00 3.00  ? 2   SER B CB   1 
ATOM   139 O OG   . SER B 1 2 ? 7.189   -5.703 12.137  1.00 3.20  ? 2   SER B OG   1 
ATOM   140 H H    . SER B 1 2 ? 8.770   -2.824 10.854  1.00 3.00  ? 2   SER B H    1 
ATOM   141 H HA   . SER B 1 2 ? 7.190   -5.037 9.676   1.00 3.95  ? 2   SER B HA   1 
ATOM   142 H HB2  . SER B 1 2 ? 6.934   -3.678 12.357  1.00 3.56  ? 2   SER B HB2  1 
ATOM   143 H HB3  . SER B 1 2 ? 5.591   -4.554 11.574  1.00 4.83  ? 2   SER B HB3  1 
ATOM   144 H HG   . SER B 1 2 ? 7.323   -5.655 13.120  0.00 3.17  ? 2   SER B HG   1 
ATOM   145 N N    . ASN B 1 3 ? 5.773   -3.342 8.498   1.00 3.00  ? 3   ASN B N    1 
ATOM   146 C CA   . ASN B 1 3 ? 5.105   -2.386 7.621   1.00 3.00  ? 3   ASN B CA   1 
ATOM   147 C C    . ASN B 1 3 ? 3.648   -2.795 7.348   1.00 3.67  ? 3   ASN B C    1 
ATOM   148 O O    . ASN B 1 3 ? 3.400   -3.941 6.964   1.00 3.00  ? 3   ASN B O    1 
ATOM   149 C CB   . ASN B 1 3 ? 5.876   -2.364 6.307   1.00 3.00  ? 3   ASN B CB   1 
ATOM   150 C CG   . ASN B 1 3 ? 5.401   -1.384 5.259   1.00 3.00  ? 3   ASN B CG   1 
ATOM   151 O OD1  . ASN B 1 3 ? 4.948   -1.770 4.174   1.00 5.04  ? 3   ASN B OD1  1 
ATOM   152 N ND2  . ASN B 1 3 ? 5.488   -0.104 5.547   1.00 3.00  ? 3   ASN B ND2  1 
ATOM   153 H H    . ASN B 1 3 ? 5.631   -4.302 8.198   1.00 4.72  ? 3   ASN B H    1 
ATOM   154 H HA   . ASN B 1 3 ? 5.123   -1.385 8.048   1.00 3.77  ? 3   ASN B HA   1 
ATOM   155 H HB2  . ASN B 1 3 ? 6.917   -2.139 6.529   1.00 3.82  ? 3   ASN B HB2  1 
ATOM   156 H HB3  . ASN B 1 3 ? 5.810   -3.366 5.891   1.00 4.62  ? 3   ASN B HB3  1 
ATOM   157 H HD21 . ASN B 1 3 ? 5.178   0.598  4.882   1.00 3.00  ? 3   ASN B HD21 1 
ATOM   158 H HD22 . ASN B 1 3 ? 5.883   0.172  6.436   1.00 4.06  ? 3   ASN B HD22 1 
ATOM   159 N N    . GLN B 1 4 ? 2.684   -1.855 7.516   1.00 3.00  ? 4   GLN B N    1 
ATOM   160 C CA   . GLN B 1 4 ? 1.263   -2.090 7.239   1.00 3.00  ? 4   GLN B CA   1 
ATOM   161 C C    . GLN B 1 4 ? 0.692   -0.956 6.377   1.00 3.75  ? 4   GLN B C    1 
ATOM   162 O O    . GLN B 1 4 ? 0.773   0.216  6.770   1.00 3.00  ? 4   GLN B O    1 
ATOM   163 C CB   . GLN B 1 4 ? 0.448   -2.210 8.550   1.00 3.00  ? 4   GLN B CB   1 
ATOM   164 C CG   . GLN B 1 4 ? -0.972  -2.745 8.351   1.00 3.00  ? 4   GLN B CG   1 
ATOM   165 C CD   . GLN B 1 4 ? -1.765  -2.794 9.645   1.00 3.53  ? 4   GLN B CD   1 
ATOM   166 O OE1  . GLN B 1 4 ? -1.979  -1.761 10.323  1.00 3.00  ? 4   GLN B OE1  1 
ATOM   167 N NE2  . GLN B 1 4 ? -2.241  -3.985 10.011  1.00 3.00  ? 4   GLN B NE2  1 
ATOM   168 H H    . GLN B 1 4 ? 2.867   -0.915 7.852   1.00 3.38  ? 4   GLN B H    1 
ATOM   169 H HA   . GLN B 1 4 ? 1.141   -3.028 6.703   1.00 3.72  ? 4   GLN B HA   1 
ATOM   170 H HB2  . GLN B 1 4 ? 0.960   -2.912 9.206   1.00 3.00  ? 4   GLN B HB2  1 
ATOM   171 H HB3  . GLN B 1 4 ? 0.381   -1.234 9.027   1.00 3.66  ? 4   GLN B HB3  1 
ATOM   172 H HG2  . GLN B 1 4 ? -1.503  -2.077 7.675   1.00 3.00  ? 4   GLN B HG2  1 
ATOM   173 H HG3  . GLN B 1 4 ? -0.914  -3.742 7.916   1.00 5.75  ? 4   GLN B HG3  1 
ATOM   174 H HE21 . GLN B 1 4 ? -2.781  -4.063 10.867  1.00 3.49  ? 4   GLN B HE21 1 
ATOM   175 H HE22 . GLN B 1 4 ? -2.087  -4.806 9.434   1.00 4.76  ? 4   GLN B HE22 1 
ATOM   176 N N    . ASN B 1 5 ? 0.092   -1.314 5.212   1.00 3.00  ? 5   ASN B N    1 
ATOM   177 C CA   . ASN B 1 5 ? -0.573  -0.371 4.301   1.00 3.00  ? 5   ASN B CA   1 
ATOM   178 C C    . ASN B 1 5 ? -2.060  -0.752 4.316   1.00 3.00  ? 5   ASN B C    1 
ATOM   179 O O    . ASN B 1 5 ? -2.427  -1.827 3.821   1.00 3.00  ? 5   ASN B O    1 
ATOM   180 C CB   . ASN B 1 5 ? -0.050  -0.487 2.872   1.00 3.00  ? 5   ASN B CB   1 
ATOM   181 C CG   . ASN B 1 5 ? 1.324   0.107  2.660   1.00 5.32  ? 5   ASN B CG   1 
ATOM   182 O OD1  . ASN B 1 5 ? 1.571   1.307  2.895   1.00 3.00  ? 5   ASN B OD1  1 
ATOM   183 N ND2  . ASN B 1 5 ? 2.233   -0.683 2.084   1.00 3.53  ? 5   ASN B ND2  1 
ATOM   184 H H    . ASN B 1 5 ? 0.053   -2.270 4.874   1.00 3.93  ? 5   ASN B H    1 
ATOM   185 H HA   . ASN B 1 5 ? -0.448  0.660  4.626   1.00 3.00  ? 5   ASN B HA   1 
ATOM   186 H HB2  . ASN B 1 5 ? -0.033  -1.541 2.596   1.00 4.14  ? 5   ASN B HB2  1 
ATOM   187 H HB3  . ASN B 1 5 ? -0.734  0.047  2.214   1.00 3.00  ? 5   ASN B HB3  1 
ATOM   188 H HD21 . ASN B 1 5 ? 1.995   -1.628 1.801   1.00 4.56  ? 5   ASN B HD21 1 
ATOM   189 H HD22 . ASN B 1 5 ? 3.172   -0.335 1.920   1.00 5.21  ? 5   ASN B HD22 1 
ATOM   190 N N    . ASN B 1 6 ? -2.919  0.130  4.869   1.00 3.00  ? 6   ASN B N    1 
ATOM   191 C CA   . ASN B 1 6 ? -4.368  -0.082 4.952   1.00 3.00  ? 6   ASN B CA   1 
ATOM   192 C C    . ASN B 1 6 ? -4.995  0.859  3.929   1.00 3.00  ? 6   ASN B C    1 
ATOM   193 O O    . ASN B 1 6 ? -5.296  2.020  4.238   1.00 3.00  ? 6   ASN B O    1 
ATOM   194 C CB   . ASN B 1 6 ? -4.866  0.194  6.383   1.00 3.00  ? 6   ASN B CB   1 
ATOM   195 C CG   . ASN B 1 6 ? -4.168  -0.649 7.438   1.00 3.00  ? 6   ASN B CG   1 
ATOM   196 O OD1  . ASN B 1 6 ? -4.121  -1.884 7.356   1.00 4.08  ? 6   ASN B OD1  1 
ATOM   197 N ND2  . ASN B 1 6 ? -3.536  -0.005 8.425   1.00 3.00  ? 6   ASN B ND2  1 
ATOM   198 H H    . ASN B 1 6 ? -2.633  1.015  5.274   1.00 4.02  ? 6   ASN B H    1 
ATOM   199 H HA   . ASN B 1 6 ? -4.630  -1.105 4.692   1.00 4.94  ? 6   ASN B HA   1 
ATOM   200 H HB2  . ASN B 1 6 ? -4.704  1.245  6.619   1.00 3.00  ? 6   ASN B HB2  1 
ATOM   201 H HB3  . ASN B 1 6 ? -5.932  -0.025 6.436   1.00 3.24  ? 6   ASN B HB3  1 
ATOM   202 H HD21 . ASN B 1 6 ? -3.075  -0.524 9.164   1.00 3.00  ? 6   ASN B HD21 1 
ATOM   203 H HD22 . ASN B 1 6 ? -3.558  1.010  8.474   1.00 4.16  ? 6   ASN B HD22 1 
ATOM   204 N N    . PHE B 1 7 ? -5.152  0.363  2.696   1.00 3.00  ? 7   PHE B N    1 
ATOM   205 C CA   . PHE B 1 7 ? -5.683  1.123  1.567   1.00 3.00  ? 7   PHE B CA   1 
ATOM   206 C C    . PHE B 1 7 ? -7.188  1.406  1.685   1.00 3.00  ? 7   PHE B C    1 
ATOM   207 O O    . PHE B 1 7 ? -7.924  0.666  2.389   1.00 3.00  ? 7   PHE B O    1 
ATOM   208 C CB   . PHE B 1 7 ? -5.364  0.419  0.238   1.00 3.00  ? 7   PHE B CB   1 
ATOM   209 C CG   . PHE B 1 7 ? -3.897  0.444  -0.150  1.00 3.00  ? 7   PHE B CG   1 
ATOM   210 C CD1  . PHE B 1 7 ? -3.343  1.557  -0.776  1.00 4.25  ? 7   PHE B CD1  1 
ATOM   211 C CD2  . PHE B 1 7 ? -3.085  -0.671 0.045   1.00 3.06  ? 7   PHE B CD2  1 
ATOM   212 C CE1  . PHE B 1 7 ? -2.008  1.553  -1.195  1.00 5.55  ? 7   PHE B CE1  1 
ATOM   213 C CE2  . PHE B 1 7 ? -1.743  -0.663 -0.358  1.00 4.97  ? 7   PHE B CE2  1 
ATOM   214 C CZ   . PHE B 1 7 ? -1.208  0.452  -0.964  1.00 3.93  ? 7   PHE B CZ   1 
ATOM   215 O OXT  . PHE B 1 7 ? -7.636  2.339  0.992   1.00 6.07  ? 7   PHE B OXT  1 
ATOM   216 H H    . PHE B 1 7 ? -4.872  -0.583 2.453   1.00 3.00  ? 7   PHE B H    1 
ATOM   217 H HA   . PHE B 1 7 ? -5.159  2.076  1.526   1.00 4.90  ? 7   PHE B HA   1 
ATOM   218 H HB2  . PHE B 1 7 ? -5.691  -0.616 0.312   1.00 3.00  ? 7   PHE B HB2  1 
ATOM   219 H HB3  . PHE B 1 7 ? -5.921  0.913  -0.554  1.00 3.00  ? 7   PHE B HB3  1 
ATOM   220 H HD1  . PHE B 1 7 ? -3.957  2.436  -0.967  1.00 4.47  ? 7   PHE B HD1  1 
ATOM   221 H HD2  . PHE B 1 7 ? -3.493  -1.560 0.524   1.00 4.41  ? 7   PHE B HD2  1 
ATOM   222 H HE1  . PHE B 1 7 ? -1.584  2.444  -1.656  1.00 6.18  ? 7   PHE B HE1  1 
ATOM   223 H HE2  . PHE B 1 7 ? -1.119  -1.537 -0.175  1.00 3.00  ? 7   PHE B HE2  1 
ATOM   224 H HZ   . PHE B 1 7 ? -0.159  0.468  -1.260  1.00 3.79  ? 7   PHE B HZ   1 
HETATM 225 O O    . HOH C 2 . ? 3.473   0.762  -10.109 1.00 3.39  ? 201 HOH A O    1 
HETATM 226 O O    . HOH C 2 . ? 4.696   -4.424 -0.651  1.00 3.00  ? 202 HOH A O    1 
HETATM 227 O O    . HOH C 2 . ? -10.786 6.404  -7.186  1.00 3.00  ? 203 HOH A O    1 
HETATM 228 O O    . HOH C 2 . ? 1.356   1.978  -11.344 1.00 10.81 ? 204 HOH A O    1 
HETATM 229 O O    . HOH C 2 . ? 6.391   -2.228 0.297   1.00 3.00  ? 205 HOH A O    1 
HETATM 230 O O    . HOH D 2 . ? 8.109   -2.831 2.528   1.00 5.18  ? 101 HOH B O    1 
HETATM 231 O O    . HOH D 2 . ? -7.555  -1.126 4.604   1.00 3.79  ? 102 HOH B O    1 
HETATM 232 O O    . HOH D 2 . ? 9.933   -6.027 13.034  1.00 3.00  ? 103 HOH B O    1 
# 
